data_2ZW5
#
_entry.id   2ZW5
#
_cell.length_a   69.910
_cell.length_b   69.910
_cell.length_c   226.990
_cell.angle_alpha   90.00
_cell.angle_beta   90.00
_cell.angle_gamma   120.00
#
_symmetry.space_group_name_H-M   'P 31 2 1'
#
loop_
_entity.id
_entity.type
_entity.pdbx_description
1 polymer 'Bleomycin acetyltransferase'
2 non-polymer 'COENZYME A'
3 water water
#
_entity_poly.entity_id   1
_entity_poly.type   'polypeptide(L)'
_entity_poly.pdbx_seq_one_letter_code
;MTEHPRAHTAHLRTARLELTPLDPAADARHLHHAYGDEEVMRWWTRPACADPAETERYLTSCAAAPGARLWTIRAPDGTV
PGMAGLLGGTDVPGLTWLLRRDSWGHGYATEAAAAVVGHALEDGGLDRVEAWIEAGNRRSLAVAARVGLTERARLAQHYP
HRPGPHEMVVLGKARAEEPLTTLAVITELPVRDVAATLRLVEAALGARTAFAIGDPPEFAEAALTPWSAGPRFRLAAVPG
PGPVEPVRLHLDAAGTADSLHRRAVDAGARVDGPPVRRPWGRSEFVITLPEGHELTVSAPV
;
_entity_poly.pdbx_strand_id   A,B
#
loop_
_chem_comp.id
_chem_comp.type
_chem_comp.name
_chem_comp.formula
COA non-polymer 'COENZYME A' 'C21 H36 N7 O16 P3 S'
#
# COMPACT_ATOMS: atom_id res chain seq x y z
N THR A 9 -21.20 27.39 2.71
CA THR A 9 -21.33 26.73 4.04
C THR A 9 -22.79 26.33 4.33
N ALA A 10 -23.01 25.01 4.43
CA ALA A 10 -24.35 24.47 4.69
C ALA A 10 -24.39 23.57 5.92
N HIS A 11 -25.52 22.90 6.12
CA HIS A 11 -25.69 22.01 7.26
C HIS A 11 -25.88 20.58 6.83
N LEU A 12 -25.48 19.64 7.68
CA LEU A 12 -25.64 18.22 7.38
C LEU A 12 -26.30 17.53 8.56
N ARG A 13 -27.28 16.68 8.28
CA ARG A 13 -27.97 15.97 9.35
C ARG A 13 -27.95 14.49 9.02
N THR A 14 -27.61 13.68 10.01
CA THR A 14 -27.55 12.25 9.78
C THR A 14 -28.51 11.51 10.71
N ALA A 15 -28.41 10.19 10.64
CA ALA A 15 -29.26 9.30 11.43
C ALA A 15 -28.88 9.34 12.91
N ARG A 16 -28.52 10.52 13.41
CA ARG A 16 -28.14 10.68 14.80
C ARG A 16 -27.58 12.06 15.05
N LEU A 17 -26.55 12.39 14.29
CA LEU A 17 -25.89 13.68 14.45
C LEU A 17 -26.42 14.78 13.54
N GLU A 18 -25.86 15.96 13.75
CA GLU A 18 -26.20 17.14 12.99
C GLU A 18 -24.93 17.98 12.94
N LEU A 19 -24.25 17.95 11.80
CA LEU A 19 -23.01 18.71 11.62
C LEU A 19 -23.35 20.14 11.24
N THR A 20 -22.72 21.09 11.93
CA THR A 20 -22.96 22.50 11.69
C THR A 20 -21.65 23.22 11.46
N PRO A 21 -21.60 24.10 10.44
CA PRO A 21 -20.38 24.84 10.13
C PRO A 21 -19.68 25.32 11.38
N LEU A 22 -18.44 24.89 11.55
CA LEU A 22 -17.66 25.25 12.72
C LEU A 22 -17.63 26.75 12.98
N ASP A 23 -17.67 27.10 14.26
CA ASP A 23 -17.62 28.49 14.72
C ASP A 23 -16.53 28.58 15.76
N PRO A 24 -15.32 29.02 15.35
CA PRO A 24 -14.19 29.16 16.26
C PRO A 24 -14.53 29.69 17.66
N ALA A 25 -15.12 30.89 17.73
CA ALA A 25 -15.48 31.50 19.00
C ALA A 25 -16.55 30.71 19.80
N ALA A 26 -17.52 30.14 19.09
CA ALA A 26 -18.58 29.37 19.71
C ALA A 26 -18.23 27.90 20.01
N ASP A 27 -17.50 27.26 19.09
CA ASP A 27 -17.13 25.86 19.25
C ASP A 27 -15.79 25.59 19.95
N ALA A 28 -14.90 26.59 19.98
CA ALA A 28 -13.58 26.44 20.60
C ALA A 28 -13.69 25.89 22.02
N ARG A 29 -14.86 26.10 22.62
CA ARG A 29 -15.11 25.68 23.98
C ARG A 29 -15.23 24.16 24.13
N HIS A 30 -16.08 23.53 23.31
CA HIS A 30 -16.26 22.08 23.36
C HIS A 30 -15.12 21.36 22.65
N LEU A 31 -14.69 21.93 21.53
CA LEU A 31 -13.63 21.36 20.72
C LEU A 31 -12.29 21.24 21.45
N HIS A 32 -12.04 22.13 22.39
CA HIS A 32 -10.80 22.09 23.14
C HIS A 32 -10.73 20.78 23.93
N HIS A 33 -11.89 20.12 24.06
CA HIS A 33 -11.99 18.83 24.76
C HIS A 33 -11.18 17.75 24.06
N ALA A 34 -10.82 18.04 22.81
CA ALA A 34 -10.04 17.10 22.01
C ALA A 34 -8.68 17.70 21.67
N TYR A 35 -8.66 18.98 21.30
CA TYR A 35 -7.42 19.65 20.93
C TYR A 35 -6.48 19.87 22.11
N GLY A 36 -7.03 19.89 23.31
CA GLY A 36 -6.20 20.07 24.49
C GLY A 36 -5.89 18.74 25.14
N ASP A 37 -6.33 17.66 24.49
CA ASP A 37 -6.10 16.31 24.97
C ASP A 37 -4.89 15.70 24.28
N GLU A 38 -3.86 15.38 25.08
CA GLU A 38 -2.63 14.82 24.57
C GLU A 38 -2.84 13.45 23.91
N GLU A 39 -3.65 12.60 24.52
CA GLU A 39 -3.89 11.29 23.93
C GLU A 39 -4.63 11.36 22.59
N VAL A 40 -5.33 12.46 22.34
CA VAL A 40 -6.07 12.62 21.08
C VAL A 40 -5.21 13.37 20.07
N MET A 41 -4.34 14.26 20.57
CA MET A 41 -3.46 15.04 19.73
C MET A 41 -2.17 14.30 19.41
N ARG A 42 -1.99 13.18 20.10
CA ARG A 42 -0.82 12.36 19.87
C ARG A 42 -0.99 11.76 18.46
N TRP A 43 -1.65 12.50 17.58
CA TRP A 43 -1.88 12.04 16.21
C TRP A 43 -2.04 13.21 15.22
N TRP A 44 -2.05 14.42 15.77
CA TRP A 44 -2.24 15.61 14.95
C TRP A 44 -0.96 16.23 14.39
N THR A 45 -1.16 17.15 13.44
CA THR A 45 -0.09 17.85 12.74
C THR A 45 0.69 18.83 13.60
N ARG A 46 0.23 18.99 14.84
CA ARG A 46 0.89 19.87 15.79
C ARG A 46 0.52 19.38 17.20
N PRO A 47 1.27 19.82 18.21
CA PRO A 47 0.96 19.37 19.57
C PRO A 47 -0.37 19.91 20.09
N ALA A 48 -0.96 19.19 21.03
CA ALA A 48 -2.24 19.59 21.64
C ALA A 48 -2.29 21.07 21.99
N CYS A 49 -3.49 21.64 21.97
CA CYS A 49 -3.67 23.06 22.29
C CYS A 49 -3.60 23.30 23.80
N ALA A 50 -2.93 24.39 24.19
CA ALA A 50 -2.76 24.76 25.59
C ALA A 50 -4.04 25.24 26.28
N ASP A 51 -4.75 26.15 25.63
CA ASP A 51 -5.97 26.71 26.20
C ASP A 51 -7.10 26.74 25.18
N PRO A 52 -8.36 26.82 25.66
CA PRO A 52 -9.47 26.86 24.71
C PRO A 52 -9.33 28.12 23.84
N ALA A 53 -8.55 29.07 24.32
CA ALA A 53 -8.31 30.33 23.60
C ALA A 53 -7.37 30.09 22.41
N GLU A 54 -6.37 29.22 22.61
CA GLU A 54 -5.44 28.87 21.55
C GLU A 54 -6.19 27.96 20.57
N THR A 55 -6.98 27.02 21.09
CA THR A 55 -7.78 26.12 20.27
C THR A 55 -8.62 27.02 19.37
N GLU A 56 -9.11 28.11 19.97
CA GLU A 56 -9.91 29.10 19.25
C GLU A 56 -9.00 29.65 18.15
N ARG A 57 -7.79 30.06 18.55
CA ARG A 57 -6.80 30.60 17.62
C ARG A 57 -6.62 29.65 16.44
N TYR A 58 -6.36 28.38 16.76
CA TYR A 58 -6.17 27.35 15.74
C TYR A 58 -7.39 27.29 14.84
N LEU A 59 -8.52 26.90 15.43
CA LEU A 59 -9.77 26.78 14.71
C LEU A 59 -10.01 27.86 13.66
N THR A 60 -9.92 29.12 14.04
CA THR A 60 -10.14 30.21 13.09
C THR A 60 -9.16 30.12 11.93
N SER A 61 -7.95 29.63 12.21
CA SER A 61 -6.93 29.51 11.17
C SER A 61 -7.32 28.48 10.12
N CYS A 62 -7.81 27.34 10.59
CA CYS A 62 -8.22 26.22 9.73
C CYS A 62 -9.37 26.59 8.80
N ALA A 63 -10.34 27.32 9.35
CA ALA A 63 -11.50 27.76 8.59
C ALA A 63 -11.03 28.70 7.48
N ALA A 64 -10.03 29.50 7.81
CA ALA A 64 -9.46 30.47 6.87
C ALA A 64 -9.00 29.75 5.62
N ALA A 65 -8.40 28.58 5.81
CA ALA A 65 -7.91 27.76 4.70
C ALA A 65 -8.93 27.80 3.56
N PRO A 66 -8.48 28.27 2.37
CA PRO A 66 -9.34 28.36 1.19
C PRO A 66 -10.09 27.07 0.83
N GLY A 67 -11.42 27.14 0.87
CA GLY A 67 -12.24 25.97 0.56
C GLY A 67 -12.26 24.92 1.64
N ALA A 68 -12.05 25.34 2.89
CA ALA A 68 -12.04 24.44 4.03
C ALA A 68 -13.42 24.37 4.67
N ARG A 69 -14.17 23.32 4.34
CA ARG A 69 -15.50 23.11 4.90
C ARG A 69 -15.37 22.28 6.16
N LEU A 70 -15.49 22.90 7.32
CA LEU A 70 -15.38 22.17 8.57
C LEU A 70 -16.66 22.25 9.38
N TRP A 71 -17.08 21.13 9.94
CA TRP A 71 -18.30 21.11 10.74
C TRP A 71 -18.03 20.68 12.15
N THR A 72 -18.86 21.15 13.08
CA THR A 72 -18.77 20.76 14.49
C THR A 72 -19.86 19.70 14.67
N ILE A 73 -19.46 18.53 15.13
CA ILE A 73 -20.40 17.42 15.33
C ILE A 73 -21.26 17.69 16.55
N ARG A 74 -22.56 17.49 16.40
CA ARG A 74 -23.49 17.69 17.50
C ARG A 74 -24.20 16.37 17.69
N ALA A 75 -23.85 15.67 18.77
CA ALA A 75 -24.41 14.35 19.09
C ALA A 75 -25.81 14.33 19.68
N PRO A 76 -26.57 13.25 19.39
CA PRO A 76 -27.94 12.98 19.83
C PRO A 76 -28.34 13.35 21.26
N ASP A 77 -27.37 13.70 22.10
CA ASP A 77 -27.71 14.10 23.45
C ASP A 77 -27.09 15.41 23.87
N GLY A 78 -27.54 16.49 23.22
CA GLY A 78 -27.06 17.82 23.50
C GLY A 78 -25.57 17.92 23.80
N THR A 79 -24.78 17.10 23.11
CA THR A 79 -23.34 17.10 23.31
C THR A 79 -22.58 17.31 21.99
N VAL A 80 -21.30 17.62 22.11
CA VAL A 80 -20.44 17.86 20.95
C VAL A 80 -19.20 16.96 20.95
N PRO A 81 -19.31 15.75 20.36
CA PRO A 81 -18.20 14.79 20.29
C PRO A 81 -16.90 15.34 19.70
N GLY A 82 -17.00 16.15 18.65
CA GLY A 82 -15.80 16.71 18.05
C GLY A 82 -16.01 17.40 16.72
N MET A 83 -14.96 17.38 15.91
CA MET A 83 -14.95 18.02 14.59
C MET A 83 -14.78 17.03 13.44
N ALA A 84 -15.32 17.38 12.28
CA ALA A 84 -15.21 16.56 11.08
C ALA A 84 -15.46 17.45 9.89
N GLY A 85 -14.59 17.39 8.88
CA GLY A 85 -14.78 18.23 7.73
C GLY A 85 -13.75 18.01 6.64
N LEU A 86 -13.68 18.95 5.70
CA LEU A 86 -12.75 18.88 4.58
C LEU A 86 -11.69 19.94 4.64
N LEU A 87 -10.43 19.54 4.62
CA LEU A 87 -9.33 20.48 4.68
C LEU A 87 -9.31 21.36 3.43
N GLY A 88 -9.20 22.67 3.64
CA GLY A 88 -9.13 23.60 2.52
C GLY A 88 -7.67 23.78 2.15
N GLY A 89 -7.39 24.51 1.07
CA GLY A 89 -6.02 24.70 0.65
C GLY A 89 -5.53 23.51 -0.17
N THR A 90 -6.40 22.51 -0.26
CA THR A 90 -6.12 21.30 -1.02
C THR A 90 -6.57 21.51 -2.45
N ASP A 91 -5.85 20.87 -3.37
CA ASP A 91 -6.19 20.97 -4.78
C ASP A 91 -6.78 19.62 -5.16
N VAL A 92 -7.15 18.89 -4.10
CA VAL A 92 -7.76 17.57 -4.18
C VAL A 92 -8.19 17.25 -2.73
N PRO A 93 -9.51 17.20 -2.49
CA PRO A 93 -10.25 16.93 -1.25
C PRO A 93 -9.56 16.18 -0.11
N GLY A 94 -9.34 16.87 1.01
CA GLY A 94 -8.72 16.27 2.17
C GLY A 94 -9.79 16.05 3.24
N LEU A 95 -9.63 15.04 4.07
CA LEU A 95 -10.60 14.73 5.12
C LEU A 95 -9.98 14.83 6.51
N THR A 96 -10.70 15.46 7.44
CA THR A 96 -10.21 15.62 8.80
C THR A 96 -11.25 15.30 9.85
N TRP A 97 -10.81 14.71 10.95
CA TRP A 97 -11.72 14.37 12.02
C TRP A 97 -10.97 13.96 13.28
N LEU A 98 -11.58 14.25 14.42
CA LEU A 98 -11.03 13.92 15.72
C LEU A 98 -12.10 14.12 16.77
N LEU A 99 -12.20 13.20 17.73
CA LEU A 99 -13.19 13.28 18.78
C LEU A 99 -12.49 13.31 20.14
N ARG A 100 -13.25 13.66 21.18
CA ARG A 100 -12.71 13.67 22.54
C ARG A 100 -12.56 12.18 22.84
N ARG A 101 -11.58 11.82 23.66
CA ARG A 101 -11.36 10.41 23.95
C ARG A 101 -12.58 9.63 24.41
N ASP A 102 -13.66 10.34 24.74
CA ASP A 102 -14.88 9.69 25.21
C ASP A 102 -15.87 9.34 24.11
N SER A 103 -16.06 10.26 23.17
CA SER A 103 -16.99 10.03 22.08
C SER A 103 -16.56 8.83 21.24
N TRP A 104 -15.49 8.19 21.68
CA TRP A 104 -14.95 7.01 21.02
C TRP A 104 -15.83 5.82 21.35
N GLY A 105 -16.00 4.93 20.39
CA GLY A 105 -16.81 3.75 20.61
C GLY A 105 -18.30 3.95 20.44
N HIS A 106 -18.69 4.94 19.65
CA HIS A 106 -20.11 5.19 19.43
C HIS A 106 -20.41 5.21 17.94
N GLY A 107 -19.36 5.24 17.12
CA GLY A 107 -19.55 5.26 15.69
C GLY A 107 -19.87 6.65 15.17
N TYR A 108 -19.50 7.65 15.97
CA TYR A 108 -19.74 9.05 15.63
C TYR A 108 -18.86 9.50 14.49
N ALA A 109 -17.56 9.36 14.69
CA ALA A 109 -16.57 9.76 13.68
C ALA A 109 -16.91 9.10 12.35
N THR A 110 -17.23 7.81 12.42
CA THR A 110 -17.59 7.04 11.25
C THR A 110 -18.82 7.64 10.59
N GLU A 111 -19.86 7.88 11.38
CA GLU A 111 -21.08 8.46 10.85
C GLU A 111 -20.90 9.92 10.39
N ALA A 112 -20.13 10.70 11.15
CA ALA A 112 -19.89 12.09 10.80
C ALA A 112 -19.00 12.21 9.55
N ALA A 113 -17.97 11.37 9.49
CA ALA A 113 -17.03 11.35 8.37
C ALA A 113 -17.76 10.88 7.13
N ALA A 114 -18.51 9.81 7.29
CA ALA A 114 -19.28 9.24 6.19
C ALA A 114 -20.21 10.31 5.68
N ALA A 115 -20.68 11.16 6.61
CA ALA A 115 -21.59 12.24 6.26
C ALA A 115 -20.89 13.26 5.39
N VAL A 116 -19.74 13.73 5.89
CA VAL A 116 -18.96 14.70 5.16
C VAL A 116 -18.59 14.15 3.78
N VAL A 117 -18.18 12.89 3.76
CA VAL A 117 -17.79 12.24 2.51
C VAL A 117 -18.98 12.21 1.56
N GLY A 118 -20.05 11.56 2.01
CA GLY A 118 -21.26 11.44 1.21
C GLY A 118 -21.61 12.75 0.59
N HIS A 119 -21.68 13.77 1.42
CA HIS A 119 -21.97 15.10 0.95
C HIS A 119 -20.96 15.51 -0.13
N ALA A 120 -19.68 15.52 0.24
CA ALA A 120 -18.60 15.92 -0.66
C ALA A 120 -18.60 15.33 -2.06
N LEU A 121 -18.94 14.05 -2.18
CA LEU A 121 -18.94 13.40 -3.48
C LEU A 121 -20.12 13.84 -4.34
N GLU A 122 -21.25 14.15 -3.70
CA GLU A 122 -22.43 14.57 -4.46
C GLU A 122 -22.64 16.08 -4.53
N ASP A 123 -23.57 16.58 -3.69
CA ASP A 123 -23.92 18.00 -3.65
C ASP A 123 -22.70 18.92 -3.53
N GLY A 124 -21.61 18.40 -2.98
CA GLY A 124 -20.39 19.18 -2.83
C GLY A 124 -19.66 19.30 -4.15
N GLY A 125 -20.01 18.42 -5.09
CA GLY A 125 -19.41 18.44 -6.41
C GLY A 125 -17.94 18.10 -6.51
N LEU A 126 -17.50 17.08 -5.77
CA LEU A 126 -16.11 16.67 -5.83
C LEU A 126 -16.05 15.35 -6.55
N ASP A 127 -14.95 15.06 -7.24
CA ASP A 127 -14.87 13.79 -7.94
C ASP A 127 -14.31 12.68 -7.06
N ARG A 128 -13.82 13.05 -5.87
CA ARG A 128 -13.28 12.10 -4.90
C ARG A 128 -12.68 12.80 -3.69
N VAL A 129 -12.53 12.05 -2.60
CA VAL A 129 -11.94 12.58 -1.38
C VAL A 129 -10.75 11.73 -0.94
N GLU A 130 -9.89 12.32 -0.11
CA GLU A 130 -8.69 11.64 0.38
C GLU A 130 -8.55 11.83 1.88
N ALA A 131 -7.93 10.86 2.53
CA ALA A 131 -7.72 10.96 3.96
C ALA A 131 -6.30 10.48 4.22
N TRP A 132 -5.45 11.37 4.71
CA TRP A 132 -4.07 10.99 5.00
C TRP A 132 -3.99 10.60 6.46
N ILE A 133 -3.75 9.33 6.72
CA ILE A 133 -3.65 8.86 8.09
C ILE A 133 -2.35 8.10 8.36
N GLU A 134 -1.71 8.45 9.46
CA GLU A 134 -0.46 7.83 9.87
C GLU A 134 -0.62 6.31 9.96
N ALA A 135 0.47 5.58 9.78
CA ALA A 135 0.44 4.11 9.83
C ALA A 135 -0.01 3.52 11.17
N GLY A 136 0.29 4.20 12.26
CA GLY A 136 -0.08 3.67 13.56
C GLY A 136 -1.50 3.96 14.02
N ASN A 137 -2.12 5.01 13.49
CA ASN A 137 -3.48 5.37 13.88
C ASN A 137 -4.49 4.34 13.39
N ARG A 138 -4.54 3.20 14.06
CA ARG A 138 -5.47 2.14 13.67
C ARG A 138 -6.92 2.56 13.88
N ARG A 139 -7.18 3.30 14.95
CA ARG A 139 -8.53 3.74 15.22
C ARG A 139 -9.04 4.59 14.07
N SER A 140 -8.15 5.40 13.49
CA SER A 140 -8.49 6.28 12.38
C SER A 140 -8.65 5.54 11.06
N LEU A 141 -7.69 4.70 10.74
CA LEU A 141 -7.74 3.93 9.51
C LEU A 141 -9.02 3.10 9.54
N ALA A 142 -9.46 2.79 10.74
CA ALA A 142 -10.68 2.02 10.97
C ALA A 142 -11.85 2.86 10.51
N VAL A 143 -11.90 4.10 10.98
CA VAL A 143 -12.96 5.00 10.60
C VAL A 143 -12.98 5.11 9.08
N ALA A 144 -11.81 5.41 8.51
CA ALA A 144 -11.63 5.58 7.07
C ALA A 144 -12.08 4.39 6.22
N ALA A 145 -11.78 3.19 6.70
CA ALA A 145 -12.14 1.96 5.98
C ALA A 145 -13.63 1.74 5.98
N ARG A 146 -14.26 2.02 7.11
CA ARG A 146 -15.71 1.86 7.26
C ARG A 146 -16.41 2.81 6.30
N VAL A 147 -15.86 4.01 6.17
CA VAL A 147 -16.39 5.07 5.30
C VAL A 147 -16.23 4.78 3.80
N GLY A 148 -15.45 3.76 3.49
CA GLY A 148 -15.27 3.39 2.10
C GLY A 148 -14.00 3.96 1.49
N LEU A 149 -13.07 4.34 2.34
CA LEU A 149 -11.80 4.87 1.86
C LEU A 149 -10.81 3.71 1.85
N THR A 150 -10.13 3.50 0.72
CA THR A 150 -9.16 2.42 0.66
C THR A 150 -7.78 3.01 0.39
N GLU A 151 -6.75 2.22 0.68
CA GLU A 151 -5.37 2.67 0.48
C GLU A 151 -5.06 2.86 -1.00
N ARG A 152 -4.63 4.07 -1.34
CA ARG A 152 -4.32 4.40 -2.72
C ARG A 152 -2.81 4.53 -2.92
N ALA A 153 -2.10 4.76 -1.81
CA ALA A 153 -0.64 4.91 -1.84
C ALA A 153 -0.12 5.22 -0.46
N ARG A 154 1.08 5.76 -0.42
CA ARG A 154 1.73 6.13 0.83
C ARG A 154 2.80 7.20 0.58
N LEU A 155 3.07 8.02 1.59
CA LEU A 155 4.07 9.10 1.50
C LEU A 155 4.66 9.43 2.88
N ALA A 156 5.94 9.77 2.91
CA ALA A 156 6.61 10.09 4.17
C ALA A 156 6.37 11.54 4.55
N GLN A 157 6.12 11.79 5.83
CA GLN A 157 5.90 13.15 6.28
C GLN A 157 6.71 13.48 7.52
N HIS A 158 6.69 14.74 7.93
CA HIS A 158 7.43 15.13 9.11
C HIS A 158 6.85 16.35 9.77
N TYR A 159 6.31 16.15 10.98
CA TYR A 159 5.75 17.27 11.73
C TYR A 159 6.86 17.91 12.56
N PRO A 160 7.04 19.24 12.45
CA PRO A 160 8.08 19.96 13.19
C PRO A 160 8.19 19.60 14.68
N HIS A 161 7.06 19.53 15.37
CA HIS A 161 7.07 19.21 16.79
C HIS A 161 7.45 17.75 17.02
N ARG A 162 7.57 17.01 15.93
CA ARG A 162 7.91 15.59 16.02
C ARG A 162 9.41 15.39 15.92
N PRO A 163 9.97 14.47 16.74
CA PRO A 163 11.41 14.20 16.72
C PRO A 163 11.87 13.71 15.36
N GLY A 164 10.98 13.00 14.66
CA GLY A 164 11.31 12.48 13.34
C GLY A 164 10.12 12.35 12.41
N PRO A 165 10.35 11.94 11.15
CA PRO A 165 9.27 11.79 10.17
C PRO A 165 8.35 10.62 10.52
N HIS A 166 7.45 10.30 9.60
CA HIS A 166 6.50 9.20 9.79
C HIS A 166 5.84 8.83 8.47
N GLU A 167 5.21 7.67 8.43
CA GLU A 167 4.56 7.23 7.21
C GLU A 167 3.06 7.53 7.17
N MET A 168 2.62 8.28 6.17
CA MET A 168 1.21 8.60 6.06
C MET A 168 0.60 7.63 5.04
N VAL A 169 -0.66 7.25 5.29
CA VAL A 169 -1.37 6.36 4.37
C VAL A 169 -2.39 7.20 3.62
N VAL A 170 -2.28 7.24 2.30
CA VAL A 170 -3.21 8.01 1.48
C VAL A 170 -4.37 7.14 1.04
N LEU A 171 -5.52 7.32 1.68
CA LEU A 171 -6.73 6.57 1.35
C LEU A 171 -7.69 7.47 0.61
N GLY A 172 -8.44 6.92 -0.34
CA GLY A 172 -9.37 7.76 -1.07
C GLY A 172 -10.60 7.03 -1.56
N LYS A 173 -11.64 7.79 -1.87
CA LYS A 173 -12.88 7.24 -2.39
C LYS A 173 -13.31 8.13 -3.52
N ALA A 174 -13.66 7.53 -4.66
CA ALA A 174 -14.10 8.30 -5.82
C ALA A 174 -15.60 8.18 -5.95
N ARG A 175 -16.21 9.10 -6.66
CA ARG A 175 -17.65 9.03 -6.88
C ARG A 175 -17.84 7.64 -7.46
N ALA A 176 -17.06 7.37 -8.50
CA ALA A 176 -17.06 6.08 -9.18
C ALA A 176 -15.62 5.83 -9.59
N GLU A 177 -15.09 4.69 -9.18
CA GLU A 177 -13.71 4.32 -9.47
C GLU A 177 -13.44 4.02 -10.94
N GLU A 178 -12.18 4.23 -11.34
CA GLU A 178 -11.73 3.97 -12.70
C GLU A 178 -11.60 2.45 -12.90
N PRO A 179 -12.28 1.88 -13.92
CA PRO A 179 -12.23 0.43 -14.19
C PRO A 179 -10.80 -0.08 -14.42
N LEU A 180 -9.96 0.81 -14.92
CA LEU A 180 -8.57 0.50 -15.20
C LEU A 180 -7.69 1.39 -14.34
N THR A 181 -6.55 0.86 -13.89
CA THR A 181 -5.63 1.62 -13.07
C THR A 181 -4.30 0.89 -12.92
N THR A 182 -3.21 1.64 -12.97
CA THR A 182 -1.87 1.05 -12.85
C THR A 182 -1.49 0.93 -11.37
N LEU A 183 -1.24 -0.30 -10.92
CA LEU A 183 -0.89 -0.57 -9.52
C LEU A 183 0.53 -0.16 -9.14
N ALA A 184 1.45 -0.24 -10.09
CA ALA A 184 2.84 0.12 -9.81
C ALA A 184 3.61 0.21 -11.11
N VAL A 185 4.82 0.74 -11.02
CA VAL A 185 5.70 0.85 -12.17
C VAL A 185 7.03 0.29 -11.75
N ILE A 186 7.48 -0.75 -12.44
CA ILE A 186 8.76 -1.37 -12.13
C ILE A 186 9.71 -1.09 -13.27
N THR A 187 10.68 -0.21 -13.03
CA THR A 187 11.63 0.16 -14.05
C THR A 187 12.86 -0.74 -14.06
N GLU A 188 13.41 -0.96 -15.25
CA GLU A 188 14.57 -1.84 -15.47
C GLU A 188 15.90 -1.09 -15.58
N LEU A 189 16.91 -1.50 -14.82
CA LEU A 189 18.22 -0.85 -14.87
C LEU A 189 19.29 -1.73 -15.54
N PRO A 190 19.67 -1.42 -16.79
CA PRO A 190 20.70 -2.21 -17.48
C PRO A 190 22.01 -2.18 -16.69
N VAL A 191 22.27 -3.22 -15.94
CA VAL A 191 23.45 -3.28 -15.11
C VAL A 191 24.55 -4.24 -15.62
N ARG A 192 25.80 -3.86 -15.40
CA ARG A 192 26.93 -4.67 -15.84
C ARG A 192 26.96 -5.98 -15.09
N ASP A 193 26.87 -5.91 -13.76
CA ASP A 193 26.91 -7.10 -12.92
C ASP A 193 25.73 -7.22 -11.94
N VAL A 194 24.62 -7.77 -12.42
CA VAL A 194 23.41 -7.93 -11.62
C VAL A 194 23.75 -8.46 -10.22
N ALA A 195 24.37 -9.63 -10.18
CA ALA A 195 24.76 -10.27 -8.93
C ALA A 195 25.31 -9.30 -7.89
N ALA A 196 26.16 -8.37 -8.35
CA ALA A 196 26.77 -7.40 -7.45
C ALA A 196 25.84 -6.22 -7.13
N THR A 197 25.17 -5.70 -8.15
CA THR A 197 24.27 -4.58 -7.94
C THR A 197 23.28 -4.95 -6.85
N LEU A 198 22.86 -6.20 -6.85
CA LEU A 198 21.93 -6.69 -5.85
C LEU A 198 22.54 -6.59 -4.45
N ARG A 199 23.78 -7.02 -4.32
CA ARG A 199 24.47 -6.98 -3.04
C ARG A 199 24.60 -5.55 -2.58
N LEU A 200 24.80 -4.63 -3.53
CA LEU A 200 24.94 -3.23 -3.19
C LEU A 200 23.68 -2.61 -2.58
N VAL A 201 22.60 -2.63 -3.36
CA VAL A 201 21.31 -2.08 -2.98
C VAL A 201 20.77 -2.74 -1.73
N GLU A 202 21.02 -4.03 -1.58
CA GLU A 202 20.56 -4.77 -0.41
C GLU A 202 21.13 -4.17 0.88
N ALA A 203 22.24 -3.44 0.75
CA ALA A 203 22.87 -2.82 1.90
C ALA A 203 22.75 -1.30 1.86
N ALA A 204 22.80 -0.73 0.67
CA ALA A 204 22.70 0.71 0.55
C ALA A 204 21.27 1.27 0.59
N LEU A 205 20.31 0.44 0.19
CA LEU A 205 18.89 0.84 0.17
C LEU A 205 18.06 -0.17 0.90
N GLY A 206 18.72 -1.12 1.57
CA GLY A 206 18.02 -2.14 2.31
C GLY A 206 17.01 -2.91 1.47
N ALA A 207 17.30 -3.03 0.17
CA ALA A 207 16.42 -3.79 -0.68
C ALA A 207 16.69 -5.28 -0.45
N ARG A 208 15.85 -6.11 -1.04
CA ARG A 208 16.01 -7.55 -0.92
C ARG A 208 15.72 -8.04 -2.33
N THR A 209 16.34 -9.14 -2.76
CA THR A 209 16.07 -9.60 -4.11
C THR A 209 14.76 -10.34 -4.12
N ALA A 210 13.83 -9.84 -4.92
CA ALA A 210 12.52 -10.46 -5.05
C ALA A 210 12.69 -11.77 -5.80
N PHE A 211 13.65 -11.80 -6.71
CA PHE A 211 13.94 -13.00 -7.48
C PHE A 211 15.15 -12.84 -8.38
N ALA A 212 15.87 -13.93 -8.60
CA ALA A 212 17.07 -13.89 -9.41
C ALA A 212 17.08 -14.99 -10.44
N ILE A 213 17.22 -14.58 -11.69
CA ILE A 213 17.24 -15.51 -12.79
C ILE A 213 18.63 -15.57 -13.43
N GLY A 214 19.29 -16.71 -13.25
CA GLY A 214 20.61 -16.89 -13.81
C GLY A 214 21.67 -17.16 -12.76
N ASP A 215 22.78 -17.75 -13.18
CA ASP A 215 23.88 -18.06 -12.28
C ASP A 215 25.22 -17.92 -12.99
N PRO A 216 25.87 -16.76 -12.84
CA PRO A 216 25.35 -15.63 -12.03
C PRO A 216 24.05 -15.10 -12.60
N PRO A 217 23.26 -14.38 -11.78
CA PRO A 217 21.98 -13.79 -12.20
C PRO A 217 22.11 -12.83 -13.37
N GLU A 218 21.21 -12.97 -14.34
CA GLU A 218 21.21 -12.10 -15.52
C GLU A 218 19.96 -11.21 -15.56
N PHE A 219 19.10 -11.39 -14.57
CA PHE A 219 17.88 -10.61 -14.43
C PHE A 219 17.38 -10.84 -13.02
N ALA A 220 17.03 -9.77 -12.33
CA ALA A 220 16.52 -9.89 -10.98
C ALA A 220 15.60 -8.72 -10.68
N GLU A 221 14.95 -8.82 -9.54
CA GLU A 221 14.04 -7.79 -9.06
C GLU A 221 14.41 -7.46 -7.63
N ALA A 222 14.68 -6.18 -7.39
CA ALA A 222 15.04 -5.74 -6.05
C ALA A 222 13.84 -5.09 -5.37
N ALA A 223 13.33 -5.72 -4.31
CA ALA A 223 12.20 -5.19 -3.56
C ALA A 223 12.72 -4.23 -2.50
N LEU A 224 12.46 -2.94 -2.71
CA LEU A 224 12.89 -1.93 -1.77
C LEU A 224 12.11 -1.99 -0.45
N THR A 225 11.27 -3.03 -0.31
CA THR A 225 10.47 -3.25 0.90
C THR A 225 10.50 -4.73 1.30
N PRO A 226 10.16 -5.02 2.56
CA PRO A 226 10.16 -6.41 3.01
C PRO A 226 8.82 -7.10 2.76
N TRP A 227 7.92 -6.41 2.07
CA TRP A 227 6.60 -6.94 1.79
C TRP A 227 6.40 -7.36 0.35
N SER A 228 5.61 -8.40 0.15
CA SER A 228 5.34 -8.98 -1.16
C SER A 228 5.21 -8.01 -2.33
N ALA A 229 4.27 -7.08 -2.24
CA ALA A 229 4.12 -6.12 -3.33
C ALA A 229 4.59 -4.79 -2.79
N GLY A 230 5.16 -3.95 -3.65
CA GLY A 230 5.65 -2.66 -3.20
C GLY A 230 6.74 -2.11 -4.10
N PRO A 231 7.27 -0.92 -3.79
CA PRO A 231 8.33 -0.29 -4.59
C PRO A 231 9.47 -1.23 -4.88
N ARG A 232 9.89 -1.25 -6.15
CA ARG A 232 11.00 -2.08 -6.61
C ARG A 232 11.38 -1.71 -8.04
N PHE A 233 12.48 -2.27 -8.51
CA PHE A 233 12.96 -2.06 -9.87
C PHE A 233 13.68 -3.35 -10.23
N ARG A 234 13.80 -3.62 -11.52
CA ARG A 234 14.44 -4.85 -11.97
C ARG A 234 15.86 -4.55 -12.47
N LEU A 235 16.68 -5.59 -12.52
CA LEU A 235 18.06 -5.46 -12.99
C LEU A 235 18.32 -6.37 -14.18
N ALA A 236 18.59 -5.76 -15.33
CA ALA A 236 18.86 -6.51 -16.54
C ALA A 236 20.34 -6.42 -16.84
N ALA A 237 21.01 -7.57 -16.94
CA ALA A 237 22.44 -7.58 -17.23
C ALA A 237 22.65 -7.16 -18.69
N VAL A 238 23.70 -6.37 -18.92
CA VAL A 238 24.01 -5.90 -20.28
C VAL A 238 25.46 -6.19 -20.67
N PRO A 239 25.74 -6.24 -21.98
CA PRO A 239 27.08 -6.49 -22.52
C PRO A 239 27.81 -5.20 -22.91
N GLY A 240 28.40 -5.19 -24.10
CA GLY A 240 29.12 -4.03 -24.58
C GLY A 240 30.14 -4.37 -25.65
N PRO A 241 31.45 -4.41 -25.31
CA PRO A 241 31.98 -4.14 -23.97
C PRO A 241 31.72 -2.74 -23.44
N GLY A 242 30.81 -2.00 -24.10
CA GLY A 242 30.47 -0.67 -23.67
C GLY A 242 29.85 -0.71 -22.27
N PRO A 243 29.50 0.43 -21.69
CA PRO A 243 28.90 0.50 -20.35
C PRO A 243 27.38 0.59 -20.41
N VAL A 244 26.90 1.82 -20.65
CA VAL A 244 25.48 2.13 -20.74
C VAL A 244 25.29 3.65 -20.88
N GLU A 245 24.11 4.13 -20.47
CA GLU A 245 23.73 5.56 -20.49
C GLU A 245 22.82 5.72 -19.27
N PRO A 246 23.33 6.35 -18.20
CA PRO A 246 22.61 6.60 -16.94
C PRO A 246 21.09 6.74 -16.95
N VAL A 247 20.46 6.04 -16.00
CA VAL A 247 19.01 6.07 -15.78
C VAL A 247 18.87 6.80 -14.45
N ARG A 248 17.83 7.62 -14.32
CA ARG A 248 17.64 8.37 -13.08
C ARG A 248 16.37 7.97 -12.37
N LEU A 249 16.50 7.58 -11.11
CA LEU A 249 15.37 7.16 -10.28
C LEU A 249 15.24 7.95 -8.99
N HIS A 250 14.04 8.44 -8.74
CA HIS A 250 13.78 9.19 -7.53
C HIS A 250 13.05 8.28 -6.54
N LEU A 251 13.67 8.06 -5.40
CA LEU A 251 13.09 7.22 -4.37
C LEU A 251 12.59 8.07 -3.21
N ASP A 252 11.28 8.12 -3.02
CA ASP A 252 10.69 8.87 -1.92
C ASP A 252 10.75 7.90 -0.74
N ALA A 253 11.51 8.25 0.29
CA ALA A 253 11.66 7.36 1.44
C ALA A 253 11.04 7.83 2.74
N ALA A 254 11.11 6.93 3.71
CA ALA A 254 10.61 7.13 5.07
C ALA A 254 11.81 7.04 5.99
N GLY A 255 11.95 8.01 6.88
CA GLY A 255 13.08 8.01 7.78
C GLY A 255 13.88 9.26 7.53
N THR A 256 14.87 9.52 8.37
CA THR A 256 15.68 10.72 8.21
C THR A 256 16.63 10.57 7.03
N ALA A 257 16.98 11.70 6.41
CA ALA A 257 17.88 11.72 5.25
C ALA A 257 19.27 11.19 5.59
N ASP A 258 19.85 11.71 6.67
CA ASP A 258 21.18 11.29 7.10
C ASP A 258 21.19 9.84 7.57
N SER A 259 20.09 9.39 8.18
CA SER A 259 20.01 8.01 8.62
C SER A 259 20.18 7.15 7.37
N LEU A 260 19.41 7.49 6.34
CA LEU A 260 19.47 6.79 5.07
C LEU A 260 20.85 7.01 4.47
N HIS A 261 21.29 8.26 4.49
CA HIS A 261 22.59 8.62 3.95
C HIS A 261 23.66 7.75 4.60
N ARG A 262 23.64 7.70 5.92
CA ARG A 262 24.62 6.89 6.65
C ARG A 262 24.53 5.46 6.15
N ARG A 263 23.33 5.01 5.79
CA ARG A 263 23.16 3.65 5.30
C ARG A 263 23.89 3.49 3.97
N ALA A 264 23.62 4.41 3.06
CA ALA A 264 24.24 4.40 1.73
C ALA A 264 25.75 4.32 1.86
N VAL A 265 26.31 5.29 2.60
CA VAL A 265 27.74 5.37 2.84
C VAL A 265 28.32 4.05 3.33
N ASP A 266 27.85 3.62 4.50
CA ASP A 266 28.30 2.36 5.13
C ASP A 266 28.36 1.19 4.16
N ALA A 267 27.31 1.01 3.37
CA ALA A 267 27.24 -0.07 2.39
C ALA A 267 28.33 0.10 1.32
N GLY A 268 29.05 1.22 1.39
CA GLY A 268 30.12 1.46 0.43
C GLY A 268 29.63 2.03 -0.88
N ALA A 269 28.37 2.46 -0.91
CA ALA A 269 27.80 3.02 -2.13
C ALA A 269 28.45 4.35 -2.47
N ARG A 270 28.49 4.68 -3.76
CA ARG A 270 29.07 5.95 -4.18
C ARG A 270 28.00 7.02 -4.03
N VAL A 271 28.13 7.83 -2.99
CA VAL A 271 27.14 8.87 -2.69
C VAL A 271 27.52 10.30 -3.08
N ASP A 272 26.51 11.07 -3.44
CA ASP A 272 26.68 12.47 -3.81
C ASP A 272 25.84 13.31 -2.84
N GLY A 273 26.10 13.04 -1.56
CA GLY A 273 25.44 13.75 -0.47
C GLY A 273 26.62 14.31 0.29
N PRO A 274 26.55 14.57 1.61
CA PRO A 274 25.45 14.38 2.56
C PRO A 274 24.08 14.94 2.14
N PRO A 275 23.04 14.69 2.96
CA PRO A 275 21.71 15.19 2.65
C PRO A 275 21.69 16.70 2.49
N VAL A 276 21.16 17.13 1.35
CA VAL A 276 21.06 18.55 1.07
C VAL A 276 19.57 18.90 1.10
N ARG A 277 19.21 19.93 1.85
CA ARG A 277 17.81 20.33 1.94
C ARG A 277 17.40 21.05 0.66
N ARG A 278 16.16 20.84 0.26
CA ARG A 278 15.62 21.46 -0.94
C ARG A 278 14.35 22.22 -0.61
N PRO A 279 14.12 23.31 -1.33
CA PRO A 279 12.94 24.17 -1.15
C PRO A 279 11.58 23.48 -1.22
N TRP A 280 11.46 22.34 -1.88
CA TRP A 280 10.16 21.67 -1.97
C TRP A 280 9.82 20.88 -0.70
N GLY A 281 10.67 21.00 0.31
CA GLY A 281 10.39 20.33 1.58
C GLY A 281 11.17 19.09 1.98
N ARG A 282 11.78 18.39 1.04
CA ARG A 282 12.53 17.18 1.39
C ARG A 282 14.02 17.41 1.38
N SER A 283 14.75 16.49 2.01
CA SER A 283 16.22 16.52 2.09
C SER A 283 16.72 15.29 1.31
N GLU A 284 17.74 15.49 0.48
CA GLU A 284 18.21 14.36 -0.33
C GLU A 284 19.71 14.25 -0.64
N PHE A 285 20.08 13.09 -1.17
CA PHE A 285 21.45 12.80 -1.56
C PHE A 285 21.37 11.79 -2.71
N VAL A 286 22.35 11.81 -3.61
CA VAL A 286 22.32 10.89 -4.76
C VAL A 286 23.31 9.75 -4.81
N ILE A 287 22.77 8.54 -4.94
CA ILE A 287 23.60 7.37 -5.05
C ILE A 287 23.85 7.20 -6.55
N THR A 288 25.10 6.94 -6.91
CA THR A 288 25.44 6.77 -8.30
C THR A 288 26.01 5.36 -8.49
N LEU A 289 25.30 4.57 -9.29
CA LEU A 289 25.69 3.20 -9.59
C LEU A 289 26.87 3.18 -10.55
N PRO A 290 27.79 2.21 -10.38
CA PRO A 290 28.96 2.09 -11.24
C PRO A 290 28.64 2.37 -12.72
N GLU A 291 27.49 1.87 -13.15
CA GLU A 291 27.02 2.01 -14.52
C GLU A 291 26.59 3.44 -14.86
N GLY A 292 26.40 4.28 -13.84
CA GLY A 292 26.02 5.65 -14.10
C GLY A 292 24.63 6.06 -13.64
N HIS A 293 23.75 5.10 -13.47
CA HIS A 293 22.39 5.40 -13.03
C HIS A 293 22.44 6.23 -11.74
N GLU A 294 21.49 7.13 -11.57
CA GLU A 294 21.46 7.98 -10.38
C GLU A 294 20.17 7.85 -9.56
N LEU A 295 20.28 7.23 -8.38
CA LEU A 295 19.13 7.04 -7.51
C LEU A 295 19.09 8.11 -6.44
N THR A 296 18.22 9.09 -6.63
CA THR A 296 18.07 10.18 -5.69
C THR A 296 17.21 9.72 -4.53
N VAL A 297 17.79 9.74 -3.34
CA VAL A 297 17.03 9.35 -2.15
C VAL A 297 16.48 10.59 -1.49
N SER A 298 15.16 10.76 -1.61
CA SER A 298 14.48 11.91 -1.01
C SER A 298 13.76 11.51 0.27
N ALA A 299 13.84 12.35 1.28
CA ALA A 299 13.19 12.08 2.55
C ALA A 299 12.63 13.37 3.11
N PRO A 300 11.54 13.28 3.90
CA PRO A 300 10.91 14.46 4.49
C PRO A 300 11.90 15.34 5.26
N VAL A 301 12.91 14.70 5.83
CA VAL A 301 13.92 15.41 6.59
C VAL A 301 15.21 14.60 6.72
N THR B 9 8.85 -28.57 14.65
CA THR B 9 7.42 -28.89 14.99
C THR B 9 7.21 -29.05 16.50
N ALA B 10 6.53 -28.07 17.09
CA ALA B 10 6.22 -28.07 18.52
C ALA B 10 4.72 -27.87 18.77
N HIS B 11 4.36 -27.48 19.99
CA HIS B 11 2.95 -27.28 20.34
C HIS B 11 2.62 -25.87 20.79
N LEU B 12 1.43 -25.40 20.43
CA LEU B 12 0.96 -24.06 20.77
C LEU B 12 -0.15 -24.19 21.80
N ARG B 13 -0.05 -23.46 22.90
CA ARG B 13 -1.06 -23.52 23.94
C ARG B 13 -1.62 -22.13 24.22
N THR B 14 -2.95 -21.99 24.10
CA THR B 14 -3.62 -20.70 24.30
C THR B 14 -4.61 -20.65 25.47
N ALA B 15 -5.15 -19.46 25.70
CA ALA B 15 -6.12 -19.24 26.78
C ALA B 15 -7.44 -19.91 26.47
N ARG B 16 -7.37 -21.10 25.88
CA ARG B 16 -8.56 -21.86 25.52
C ARG B 16 -8.21 -23.06 24.66
N LEU B 17 -7.60 -22.77 23.51
CA LEU B 17 -7.23 -23.81 22.56
C LEU B 17 -5.84 -24.39 22.74
N GLU B 18 -5.61 -25.45 21.99
CA GLU B 18 -4.34 -26.16 21.98
C GLU B 18 -4.06 -26.48 20.51
N LEU B 19 -3.05 -25.84 19.94
CA LEU B 19 -2.69 -26.06 18.54
C LEU B 19 -1.63 -27.16 18.47
N THR B 20 -1.93 -28.18 17.65
CA THR B 20 -1.07 -29.32 17.48
C THR B 20 -0.67 -29.55 16.03
N PRO B 21 0.63 -29.81 15.76
CA PRO B 21 1.12 -30.04 14.41
C PRO B 21 0.15 -30.91 13.62
N LEU B 22 -0.27 -30.42 12.46
CA LEU B 22 -1.21 -31.16 11.62
C LEU B 22 -0.79 -32.61 11.32
N ASP B 23 -1.77 -33.51 11.38
CA ASP B 23 -1.56 -34.93 11.11
C ASP B 23 -2.55 -35.32 10.04
N PRO B 24 -2.19 -35.13 8.76
CA PRO B 24 -3.04 -35.45 7.60
C PRO B 24 -3.98 -36.65 7.74
N ALA B 25 -3.46 -37.79 8.18
CA ALA B 25 -4.27 -39.00 8.33
C ALA B 25 -5.16 -38.98 9.58
N ALA B 26 -4.67 -38.39 10.66
CA ALA B 26 -5.40 -38.31 11.91
C ALA B 26 -6.45 -37.19 11.91
N ASP B 27 -6.04 -36.00 11.47
CA ASP B 27 -6.91 -34.83 11.45
C ASP B 27 -7.74 -34.63 10.17
N ALA B 28 -7.40 -35.33 9.10
CA ALA B 28 -8.13 -35.19 7.84
C ALA B 28 -9.62 -35.41 8.01
N ARG B 29 -9.97 -36.24 8.98
CA ARG B 29 -11.38 -36.56 9.24
C ARG B 29 -12.18 -35.36 9.72
N HIS B 30 -11.62 -34.64 10.68
CA HIS B 30 -12.29 -33.47 11.23
C HIS B 30 -12.16 -32.25 10.32
N LEU B 31 -10.95 -32.01 9.85
CA LEU B 31 -10.70 -30.88 9.00
C LEU B 31 -11.50 -30.93 7.70
N HIS B 32 -11.88 -32.12 7.24
CA HIS B 32 -12.66 -32.19 6.01
C HIS B 32 -13.96 -31.42 6.20
N HIS B 33 -14.34 -31.20 7.46
CA HIS B 33 -15.57 -30.49 7.79
C HIS B 33 -15.55 -29.08 7.25
N ALA B 34 -14.35 -28.62 6.93
CA ALA B 34 -14.12 -27.28 6.39
C ALA B 34 -13.77 -27.38 4.92
N TYR B 35 -12.77 -28.19 4.61
CA TYR B 35 -12.34 -28.34 3.23
C TYR B 35 -13.42 -28.90 2.34
N GLY B 36 -14.36 -29.62 2.93
CA GLY B 36 -15.44 -30.19 2.15
C GLY B 36 -16.61 -29.22 2.04
N ASP B 37 -16.57 -28.18 2.86
CA ASP B 37 -17.62 -27.17 2.89
C ASP B 37 -17.40 -26.13 1.80
N GLU B 38 -18.33 -26.04 0.87
CA GLU B 38 -18.20 -25.07 -0.22
C GLU B 38 -18.28 -23.63 0.30
N GLU B 39 -19.13 -23.40 1.30
CA GLU B 39 -19.28 -22.07 1.87
C GLU B 39 -17.99 -21.60 2.56
N VAL B 40 -17.18 -22.55 3.00
CA VAL B 40 -15.92 -22.24 3.67
C VAL B 40 -14.76 -22.12 2.70
N MET B 41 -14.86 -22.82 1.57
CA MET B 41 -13.79 -22.82 0.57
C MET B 41 -14.00 -21.77 -0.53
N ARG B 42 -15.06 -20.97 -0.40
CA ARG B 42 -15.38 -19.93 -1.39
C ARG B 42 -14.25 -18.92 -1.58
N TRP B 43 -13.52 -18.64 -0.51
CA TRP B 43 -12.42 -17.69 -0.55
C TRP B 43 -11.08 -18.40 -0.67
N TRP B 44 -11.12 -19.73 -0.63
CA TRP B 44 -9.90 -20.52 -0.71
C TRP B 44 -9.21 -20.40 -2.07
N THR B 45 -8.01 -20.97 -2.14
CA THR B 45 -7.21 -20.96 -3.35
C THR B 45 -7.73 -22.02 -4.31
N ARG B 46 -8.20 -23.13 -3.76
CA ARG B 46 -8.72 -24.25 -4.54
C ARG B 46 -10.17 -24.57 -4.10
N PRO B 47 -10.91 -25.31 -4.94
CA PRO B 47 -12.30 -25.68 -4.63
C PRO B 47 -12.32 -26.72 -3.51
N ALA B 48 -13.45 -26.79 -2.80
CA ALA B 48 -13.62 -27.72 -1.68
C ALA B 48 -13.28 -29.17 -2.03
N CYS B 49 -12.79 -29.90 -1.03
CA CYS B 49 -12.41 -31.30 -1.21
C CYS B 49 -13.63 -32.22 -1.25
N ALA B 50 -13.69 -33.04 -2.27
CA ALA B 50 -14.80 -33.96 -2.46
C ALA B 50 -14.96 -34.95 -1.31
N ASP B 51 -13.86 -35.53 -0.87
CA ASP B 51 -13.92 -36.51 0.21
C ASP B 51 -12.87 -36.29 1.27
N PRO B 52 -13.09 -36.85 2.46
CA PRO B 52 -12.14 -36.69 3.57
C PRO B 52 -10.80 -37.28 3.14
N ALA B 53 -10.84 -38.13 2.12
CA ALA B 53 -9.64 -38.76 1.60
C ALA B 53 -8.87 -37.74 0.75
N GLU B 54 -9.60 -36.98 -0.06
CA GLU B 54 -8.96 -35.97 -0.89
C GLU B 54 -8.38 -34.93 0.04
N THR B 55 -9.18 -34.58 1.06
CA THR B 55 -8.76 -33.60 2.04
C THR B 55 -7.47 -34.04 2.71
N GLU B 56 -7.31 -35.35 2.90
CA GLU B 56 -6.12 -35.89 3.51
C GLU B 56 -4.98 -35.75 2.51
N ARG B 57 -5.27 -36.04 1.25
CA ARG B 57 -4.26 -35.93 0.19
C ARG B 57 -3.82 -34.48 0.10
N TYR B 58 -4.80 -33.58 0.16
CA TYR B 58 -4.57 -32.15 0.10
C TYR B 58 -3.75 -31.69 1.31
N LEU B 59 -4.12 -32.18 2.49
CA LEU B 59 -3.46 -31.84 3.74
C LEU B 59 -2.00 -32.23 3.81
N THR B 60 -1.67 -33.44 3.35
CA THR B 60 -0.28 -33.90 3.38
C THR B 60 0.57 -33.04 2.44
N SER B 61 0.02 -32.69 1.28
CA SER B 61 0.74 -31.86 0.31
C SER B 61 1.11 -30.54 0.98
N CYS B 62 0.12 -29.91 1.62
CA CYS B 62 0.32 -28.64 2.32
C CYS B 62 1.47 -28.72 3.31
N ALA B 63 1.49 -29.80 4.09
CA ALA B 63 2.52 -30.03 5.10
C ALA B 63 3.88 -30.20 4.44
N ALA B 64 3.89 -30.90 3.30
CA ALA B 64 5.11 -31.15 2.55
C ALA B 64 5.83 -29.84 2.20
N ALA B 65 5.05 -28.80 1.89
CA ALA B 65 5.60 -27.49 1.56
C ALA B 65 6.75 -27.12 2.48
N PRO B 66 7.76 -26.42 1.94
CA PRO B 66 8.99 -25.96 2.61
C PRO B 66 8.89 -25.68 4.11
N GLY B 67 8.60 -24.44 4.45
CA GLY B 67 8.50 -24.06 5.86
C GLY B 67 7.07 -24.07 6.39
N ALA B 68 6.24 -24.97 5.86
CA ALA B 68 4.84 -25.10 6.25
C ALA B 68 4.62 -25.65 7.66
N ARG B 69 4.52 -24.74 8.63
CA ARG B 69 4.30 -25.12 10.02
C ARG B 69 2.82 -24.94 10.35
N LEU B 70 2.05 -26.01 10.15
CA LEU B 70 0.62 -25.98 10.37
C LEU B 70 0.17 -26.74 11.62
N TRP B 71 -0.86 -26.22 12.28
CA TRP B 71 -1.40 -26.82 13.50
C TRP B 71 -2.90 -27.02 13.41
N THR B 72 -3.37 -28.12 13.97
CA THR B 72 -4.79 -28.44 14.01
C THR B 72 -5.26 -27.81 15.31
N ILE B 73 -6.31 -27.00 15.24
CA ILE B 73 -6.83 -26.35 16.44
C ILE B 73 -7.79 -27.25 17.21
N ARG B 74 -7.57 -27.38 18.51
CA ARG B 74 -8.43 -28.20 19.36
C ARG B 74 -9.11 -27.31 20.42
N ALA B 75 -10.42 -27.17 20.27
CA ALA B 75 -11.22 -26.32 21.16
C ALA B 75 -11.51 -26.92 22.52
N PRO B 76 -11.52 -26.08 23.57
CA PRO B 76 -11.76 -26.45 24.98
C PRO B 76 -13.01 -27.30 25.20
N ASP B 77 -13.63 -27.73 24.10
CA ASP B 77 -14.81 -28.57 24.19
C ASP B 77 -14.60 -29.84 23.36
N GLY B 78 -13.44 -30.47 23.55
CA GLY B 78 -13.11 -31.69 22.83
C GLY B 78 -13.43 -31.64 21.34
N THR B 79 -13.52 -30.43 20.81
CA THR B 79 -13.83 -30.22 19.40
C THR B 79 -12.65 -29.66 18.61
N VAL B 80 -12.68 -29.86 17.29
CA VAL B 80 -11.64 -29.40 16.35
C VAL B 80 -12.26 -28.40 15.34
N PRO B 81 -12.36 -27.11 15.74
CA PRO B 81 -12.94 -26.04 14.91
C PRO B 81 -12.27 -25.84 13.56
N GLY B 82 -10.94 -26.03 13.52
CA GLY B 82 -10.23 -25.86 12.27
C GLY B 82 -8.72 -25.88 12.34
N MET B 83 -8.11 -25.36 11.28
CA MET B 83 -6.67 -25.32 11.14
C MET B 83 -6.16 -23.87 11.11
N ALA B 84 -4.90 -23.70 11.50
CA ALA B 84 -4.25 -22.40 11.52
C ALA B 84 -2.76 -22.67 11.40
N GLY B 85 -2.04 -21.79 10.70
CA GLY B 85 -0.61 -21.99 10.55
C GLY B 85 0.12 -21.15 9.52
N LEU B 86 1.39 -21.47 9.30
CA LEU B 86 2.24 -20.76 8.36
C LEU B 86 2.47 -21.56 7.08
N LEU B 87 2.24 -20.94 5.93
CA LEU B 87 2.44 -21.62 4.65
C LEU B 87 3.92 -21.75 4.36
N GLY B 88 4.26 -22.69 3.47
CA GLY B 88 5.65 -22.91 3.13
C GLY B 88 6.07 -22.47 1.74
N GLY B 89 7.34 -22.08 1.61
CA GLY B 89 7.87 -21.63 0.34
C GLY B 89 7.88 -20.12 0.21
N THR B 90 6.67 -19.56 0.25
CA THR B 90 6.40 -18.13 0.15
C THR B 90 7.57 -17.13 0.06
N ASP B 91 8.59 -17.34 0.87
CA ASP B 91 9.76 -16.45 0.96
C ASP B 91 9.41 -15.49 2.07
N VAL B 92 8.37 -14.69 1.82
CA VAL B 92 7.88 -13.75 2.80
C VAL B 92 6.85 -14.57 3.55
N PRO B 93 7.15 -14.93 4.80
CA PRO B 93 6.28 -15.73 5.67
C PRO B 93 4.81 -15.57 5.37
N GLY B 94 4.09 -16.69 5.27
CA GLY B 94 2.68 -16.64 4.96
C GLY B 94 1.78 -17.15 6.07
N LEU B 95 0.53 -16.67 6.09
CA LEU B 95 -0.43 -17.06 7.11
C LEU B 95 -1.68 -17.69 6.51
N THR B 96 -2.16 -18.76 7.14
CA THR B 96 -3.38 -19.44 6.70
C THR B 96 -4.25 -19.75 7.91
N TRP B 97 -5.51 -19.98 7.63
CA TRP B 97 -6.48 -20.31 8.65
C TRP B 97 -7.86 -20.42 8.05
N LEU B 98 -8.65 -21.33 8.60
CA LEU B 98 -10.01 -21.55 8.15
C LEU B 98 -10.69 -22.42 9.21
N LEU B 99 -12.00 -22.22 9.37
CA LEU B 99 -12.77 -23.00 10.34
C LEU B 99 -14.01 -23.56 9.66
N ARG B 100 -14.61 -24.58 10.25
CA ARG B 100 -15.82 -25.15 9.68
C ARG B 100 -16.90 -24.14 10.02
N ARG B 101 -17.93 -24.05 9.19
CA ARG B 101 -19.00 -23.09 9.40
C ARG B 101 -19.56 -23.06 10.82
N ASP B 102 -19.74 -24.25 11.40
CA ASP B 102 -20.28 -24.38 12.75
C ASP B 102 -19.34 -23.83 13.83
N SER B 103 -18.07 -23.69 13.48
CA SER B 103 -17.11 -23.19 14.44
C SER B 103 -16.87 -21.68 14.31
N TRP B 104 -17.74 -21.00 13.58
CA TRP B 104 -17.58 -19.56 13.40
C TRP B 104 -18.24 -18.82 14.55
N GLY B 105 -17.67 -17.68 14.94
CA GLY B 105 -18.25 -16.89 16.00
C GLY B 105 -17.81 -17.14 17.42
N HIS B 106 -16.62 -17.69 17.62
CA HIS B 106 -16.16 -17.93 18.98
C HIS B 106 -14.79 -17.34 19.23
N GLY B 107 -14.29 -16.56 18.27
CA GLY B 107 -12.98 -15.95 18.44
C GLY B 107 -11.85 -16.95 18.40
N TYR B 108 -12.13 -18.09 17.76
CA TYR B 108 -11.17 -19.18 17.61
C TYR B 108 -10.06 -18.82 16.63
N ALA B 109 -10.46 -18.43 15.42
CA ALA B 109 -9.51 -18.04 14.37
C ALA B 109 -8.62 -16.89 14.82
N THR B 110 -9.21 -15.94 15.53
CA THR B 110 -8.44 -14.80 16.00
C THR B 110 -7.36 -15.26 16.98
N GLU B 111 -7.78 -16.05 17.96
CA GLU B 111 -6.90 -16.57 19.01
C GLU B 111 -5.81 -17.49 18.50
N ALA B 112 -6.20 -18.43 17.63
CA ALA B 112 -5.29 -19.41 17.05
C ALA B 112 -4.31 -18.74 16.07
N ALA B 113 -4.80 -17.79 15.26
CA ALA B 113 -3.97 -17.06 14.32
C ALA B 113 -3.01 -16.18 15.10
N ALA B 114 -3.53 -15.50 16.11
CA ALA B 114 -2.72 -14.64 16.95
C ALA B 114 -1.69 -15.52 17.66
N ALA B 115 -1.99 -16.80 17.74
CA ALA B 115 -1.08 -17.75 18.38
C ALA B 115 0.06 -18.01 17.41
N VAL B 116 -0.30 -18.50 16.22
CA VAL B 116 0.66 -18.81 15.18
C VAL B 116 1.56 -17.61 14.90
N VAL B 117 0.97 -16.42 14.89
CA VAL B 117 1.74 -15.20 14.64
C VAL B 117 2.67 -14.96 15.83
N GLY B 118 2.09 -14.82 17.03
CA GLY B 118 2.89 -14.59 18.22
C GLY B 118 4.11 -15.49 18.24
N HIS B 119 3.88 -16.75 17.88
CA HIS B 119 4.95 -17.73 17.85
C HIS B 119 5.92 -17.42 16.73
N ALA B 120 5.39 -17.31 15.51
CA ALA B 120 6.20 -17.05 14.32
C ALA B 120 7.18 -15.89 14.42
N LEU B 121 6.80 -14.81 15.10
CA LEU B 121 7.68 -13.65 15.22
C LEU B 121 8.73 -13.75 16.31
N GLU B 122 8.64 -14.77 17.15
CA GLU B 122 9.62 -14.92 18.22
C GLU B 122 10.39 -16.23 18.12
N ASP B 123 9.98 -17.19 18.96
CA ASP B 123 10.59 -18.52 19.01
C ASP B 123 10.68 -19.16 17.63
N GLY B 124 9.90 -18.64 16.69
CA GLY B 124 9.91 -19.15 15.33
C GLY B 124 11.05 -18.49 14.57
N GLY B 125 11.49 -17.33 15.07
CA GLY B 125 12.59 -16.61 14.46
C GLY B 125 12.32 -15.96 13.13
N LEU B 126 11.09 -15.52 12.92
CA LEU B 126 10.75 -14.86 11.67
C LEU B 126 10.78 -13.35 11.89
N ASP B 127 11.12 -12.60 10.85
CA ASP B 127 11.18 -11.15 10.99
C ASP B 127 9.83 -10.48 10.74
N ARG B 128 8.87 -11.26 10.23
CA ARG B 128 7.53 -10.75 9.94
C ARG B 128 6.69 -11.81 9.25
N VAL B 129 5.37 -11.65 9.32
CA VAL B 129 4.45 -12.57 8.68
C VAL B 129 3.50 -11.77 7.80
N GLU B 130 2.97 -12.41 6.76
CA GLU B 130 2.05 -11.74 5.85
C GLU B 130 0.80 -12.61 5.65
N ALA B 131 -0.32 -11.95 5.37
CA ALA B 131 -1.57 -12.64 5.15
C ALA B 131 -2.28 -12.00 3.96
N TRP B 132 -2.45 -12.78 2.91
CA TRP B 132 -3.11 -12.30 1.71
C TRP B 132 -4.57 -12.63 1.78
N ILE B 133 -5.39 -11.62 2.00
CA ILE B 133 -6.81 -11.85 2.07
C ILE B 133 -7.54 -11.06 1.00
N GLU B 134 -8.45 -11.74 0.30
CA GLU B 134 -9.23 -11.12 -0.75
C GLU B 134 -10.05 -9.95 -0.18
N ALA B 135 -10.21 -8.89 -0.97
CA ALA B 135 -10.96 -7.72 -0.53
C ALA B 135 -12.33 -8.07 0.08
N GLY B 136 -13.05 -8.99 -0.55
CA GLY B 136 -14.37 -9.38 -0.07
C GLY B 136 -14.41 -10.12 1.26
N ASN B 137 -13.38 -10.90 1.55
CA ASN B 137 -13.30 -11.68 2.78
C ASN B 137 -13.29 -10.82 4.04
N ARG B 138 -14.40 -10.16 4.30
CA ARG B 138 -14.53 -9.27 5.45
C ARG B 138 -14.28 -10.00 6.77
N ARG B 139 -14.81 -11.22 6.86
CA ARG B 139 -14.68 -12.04 8.07
C ARG B 139 -13.23 -12.42 8.39
N SER B 140 -12.41 -12.57 7.37
CA SER B 140 -11.01 -12.90 7.57
C SER B 140 -10.23 -11.62 7.76
N LEU B 141 -10.57 -10.60 6.99
CA LEU B 141 -9.90 -9.33 7.14
C LEU B 141 -10.08 -8.89 8.57
N ALA B 142 -11.21 -9.29 9.16
CA ALA B 142 -11.52 -8.95 10.56
C ALA B 142 -10.53 -9.63 11.52
N VAL B 143 -10.33 -10.92 11.34
CA VAL B 143 -9.41 -11.69 12.17
C VAL B 143 -8.01 -11.07 12.04
N ALA B 144 -7.60 -10.84 10.79
CA ALA B 144 -6.28 -10.28 10.51
C ALA B 144 -6.06 -8.97 11.23
N ALA B 145 -7.09 -8.14 11.23
CA ALA B 145 -7.04 -6.84 11.87
C ALA B 145 -6.85 -7.01 13.37
N ARG B 146 -7.55 -8.01 13.90
CA ARG B 146 -7.51 -8.31 15.32
C ARG B 146 -6.15 -8.83 15.75
N VAL B 147 -5.51 -9.64 14.92
CA VAL B 147 -4.21 -10.18 15.28
C VAL B 147 -3.10 -9.13 15.22
N GLY B 148 -3.41 -7.97 14.66
CA GLY B 148 -2.42 -6.90 14.56
C GLY B 148 -1.80 -6.78 13.18
N LEU B 149 -2.40 -7.42 12.19
CA LEU B 149 -1.91 -7.38 10.81
C LEU B 149 -2.49 -6.15 10.13
N THR B 150 -1.63 -5.34 9.53
CA THR B 150 -2.04 -4.12 8.85
C THR B 150 -1.77 -4.20 7.35
N GLU B 151 -2.57 -3.50 6.56
CA GLU B 151 -2.40 -3.52 5.10
C GLU B 151 -1.09 -2.91 4.66
N ARG B 152 -0.24 -3.69 4.00
CA ARG B 152 1.04 -3.18 3.55
C ARG B 152 1.03 -2.93 2.04
N ALA B 153 0.11 -3.60 1.34
CA ALA B 153 0.00 -3.46 -0.12
C ALA B 153 -1.20 -4.19 -0.69
N ARG B 154 -1.30 -4.19 -2.02
CA ARG B 154 -2.39 -4.86 -2.71
C ARG B 154 -1.92 -5.38 -4.06
N LEU B 155 -2.50 -6.49 -4.50
CA LEU B 155 -2.14 -7.05 -5.79
C LEU B 155 -3.32 -7.78 -6.41
N ALA B 156 -3.26 -7.97 -7.71
CA ALA B 156 -4.33 -8.66 -8.43
C ALA B 156 -3.94 -10.10 -8.60
N GLN B 157 -4.85 -11.01 -8.28
CA GLN B 157 -4.56 -12.44 -8.42
C GLN B 157 -5.64 -13.10 -9.27
N HIS B 158 -5.47 -14.39 -9.53
CA HIS B 158 -6.41 -15.13 -10.36
C HIS B 158 -6.31 -16.61 -10.12
N TYR B 159 -7.36 -17.21 -9.56
CA TYR B 159 -7.36 -18.64 -9.32
C TYR B 159 -7.93 -19.32 -10.55
N PRO B 160 -7.38 -20.49 -10.94
CA PRO B 160 -7.88 -21.19 -12.12
C PRO B 160 -9.39 -21.43 -12.06
N HIS B 161 -9.83 -22.10 -11.00
CA HIS B 161 -11.24 -22.41 -10.81
C HIS B 161 -12.13 -21.17 -10.77
N ARG B 162 -11.51 -20.00 -10.69
CA ARG B 162 -12.25 -18.76 -10.66
C ARG B 162 -12.49 -18.34 -12.10
N PRO B 163 -13.65 -17.74 -12.38
CA PRO B 163 -13.90 -17.32 -13.77
C PRO B 163 -13.03 -16.11 -14.12
N GLY B 164 -12.60 -15.37 -13.09
CA GLY B 164 -11.77 -14.20 -13.31
C GLY B 164 -10.87 -13.82 -12.15
N PRO B 165 -10.05 -12.78 -12.34
CA PRO B 165 -9.12 -12.32 -11.31
C PRO B 165 -9.85 -11.68 -10.14
N HIS B 166 -9.10 -11.37 -9.08
CA HIS B 166 -9.67 -10.76 -7.89
C HIS B 166 -8.58 -10.05 -7.12
N GLU B 167 -9.00 -9.04 -6.37
CA GLU B 167 -8.11 -8.22 -5.55
C GLU B 167 -7.62 -8.93 -4.30
N MET B 168 -6.32 -8.90 -4.08
CA MET B 168 -5.76 -9.52 -2.88
C MET B 168 -5.18 -8.42 -1.97
N VAL B 169 -5.47 -8.51 -0.68
CA VAL B 169 -4.96 -7.53 0.28
C VAL B 169 -3.82 -8.12 1.07
N VAL B 170 -2.66 -7.51 0.95
CA VAL B 170 -1.51 -8.02 1.68
C VAL B 170 -1.37 -7.29 3.02
N LEU B 171 -1.71 -8.00 4.09
CA LEU B 171 -1.62 -7.44 5.44
C LEU B 171 -0.40 -8.01 6.09
N GLY B 172 0.12 -7.32 7.10
CA GLY B 172 1.30 -7.84 7.74
C GLY B 172 1.69 -7.24 9.08
N LYS B 173 2.48 -8.02 9.80
CA LYS B 173 2.98 -7.64 11.10
C LYS B 173 4.48 -7.94 11.09
N ALA B 174 5.29 -6.94 11.40
CA ALA B 174 6.73 -7.13 11.44
C ALA B 174 7.14 -7.14 12.89
N ARG B 175 7.81 -8.20 13.31
CA ARG B 175 8.28 -8.27 14.70
C ARG B 175 9.32 -7.15 14.79
N ALA B 176 9.96 -6.90 13.66
CA ALA B 176 11.01 -5.89 13.53
C ALA B 176 10.46 -4.47 13.58
N GLU B 177 11.03 -3.60 12.76
CA GLU B 177 10.61 -2.20 12.72
C GLU B 177 11.46 -1.36 11.76
N GLU B 178 11.75 -1.92 10.59
CA GLU B 178 12.55 -1.20 9.60
C GLU B 178 12.04 0.23 9.55
N PRO B 179 12.80 1.17 10.10
CA PRO B 179 12.42 2.60 10.13
C PRO B 179 12.56 3.24 8.75
N LEU B 180 13.60 2.82 8.05
CA LEU B 180 13.86 3.32 6.71
C LEU B 180 13.24 2.35 5.72
N THR B 181 12.66 2.89 4.66
CA THR B 181 12.05 2.05 3.64
C THR B 181 11.65 2.96 2.49
N THR B 182 11.61 2.43 1.27
CA THR B 182 11.23 3.23 0.11
C THR B 182 9.72 3.18 -0.07
N LEU B 183 9.11 4.35 -0.27
CA LEU B 183 7.66 4.45 -0.41
C LEU B 183 7.23 4.50 -1.88
N ALA B 184 8.18 4.90 -2.74
CA ALA B 184 7.90 4.99 -4.15
C ALA B 184 9.17 5.21 -4.95
N VAL B 185 9.18 4.72 -6.17
CA VAL B 185 10.30 4.88 -7.06
C VAL B 185 9.67 5.62 -8.23
N ILE B 186 10.18 6.80 -8.56
CA ILE B 186 9.65 7.54 -9.71
C ILE B 186 10.78 7.69 -10.71
N THR B 187 10.71 6.93 -11.79
CA THR B 187 11.74 6.95 -12.81
C THR B 187 11.62 8.16 -13.75
N GLU B 188 12.75 8.60 -14.30
CA GLU B 188 12.79 9.75 -15.22
C GLU B 188 13.01 9.32 -16.68
N LEU B 189 12.08 9.71 -17.55
CA LEU B 189 12.18 9.35 -18.95
C LEU B 189 12.63 10.49 -19.85
N PRO B 190 13.90 10.46 -20.27
CA PRO B 190 14.46 11.49 -21.15
C PRO B 190 13.67 11.48 -22.45
N VAL B 191 12.67 12.35 -22.52
CA VAL B 191 11.81 12.42 -23.68
C VAL B 191 12.12 13.68 -24.52
N ARG B 192 12.11 13.54 -25.85
CA ARG B 192 12.41 14.69 -26.73
C ARG B 192 11.37 15.81 -26.67
N ASP B 193 10.10 15.44 -26.44
CA ASP B 193 9.00 16.42 -26.36
C ASP B 193 8.07 16.19 -25.16
N VAL B 194 8.44 16.77 -24.02
CA VAL B 194 7.65 16.63 -22.78
C VAL B 194 6.18 16.98 -22.97
N ALA B 195 5.93 18.18 -23.49
CA ALA B 195 4.57 18.66 -23.70
C ALA B 195 3.65 17.64 -24.37
N ALA B 196 4.18 16.99 -25.41
CA ALA B 196 3.43 15.99 -26.17
C ALA B 196 3.40 14.62 -25.50
N THR B 197 4.50 14.21 -24.90
CA THR B 197 4.56 12.92 -24.24
C THR B 197 3.46 12.85 -23.19
N LEU B 198 3.20 13.99 -22.55
CA LEU B 198 2.16 14.08 -21.54
C LEU B 198 0.81 13.80 -22.20
N ARG B 199 0.62 14.36 -23.39
CA ARG B 199 -0.62 14.19 -24.15
C ARG B 199 -0.87 12.72 -24.43
N LEU B 200 0.19 12.06 -24.89
CA LEU B 200 0.14 10.65 -25.24
C LEU B 200 -0.32 9.78 -24.09
N VAL B 201 0.52 9.73 -23.05
CA VAL B 201 0.25 8.96 -21.84
C VAL B 201 -1.10 9.37 -21.30
N GLU B 202 -1.39 10.66 -21.43
CA GLU B 202 -2.63 11.25 -20.97
C GLU B 202 -3.81 10.41 -21.42
N ALA B 203 -3.80 10.04 -22.70
CA ALA B 203 -4.89 9.26 -23.26
C ALA B 203 -4.62 7.76 -23.32
N ALA B 204 -3.36 7.41 -23.59
CA ALA B 204 -2.96 6.01 -23.71
C ALA B 204 -2.86 5.23 -22.41
N LEU B 205 -2.41 5.89 -21.34
CA LEU B 205 -2.25 5.25 -20.04
C LEU B 205 -3.21 5.84 -19.03
N GLY B 206 -3.86 6.93 -19.42
CA GLY B 206 -4.78 7.56 -18.52
C GLY B 206 -4.01 8.33 -17.46
N ALA B 207 -2.82 8.78 -17.81
CA ALA B 207 -1.99 9.55 -16.89
C ALA B 207 -2.61 10.92 -16.72
N ARG B 208 -2.21 11.60 -15.64
CA ARG B 208 -2.68 12.93 -15.32
C ARG B 208 -1.43 13.75 -15.07
N THR B 209 -1.46 15.02 -15.47
CA THR B 209 -0.29 15.85 -15.25
C THR B 209 -0.28 16.31 -13.78
N ALA B 210 0.85 16.85 -13.35
CA ALA B 210 1.02 17.34 -11.99
C ALA B 210 2.14 18.38 -12.02
N PHE B 211 3.19 18.06 -12.77
CA PHE B 211 4.33 18.95 -12.93
C PHE B 211 4.23 19.60 -14.30
N ALA B 212 5.03 20.63 -14.54
CA ALA B 212 5.03 21.33 -15.82
C ALA B 212 6.00 22.49 -15.79
N ILE B 213 7.14 22.28 -15.14
CA ILE B 213 8.17 23.32 -15.03
C ILE B 213 8.71 23.76 -16.39
N GLY B 214 8.59 25.06 -16.66
CA GLY B 214 9.09 25.61 -17.91
C GLY B 214 8.05 25.77 -18.99
N ASP B 215 8.30 26.73 -19.90
CA ASP B 215 7.39 27.00 -21.02
C ASP B 215 8.16 26.99 -22.33
N PRO B 216 7.98 25.93 -23.14
CA PRO B 216 7.08 24.82 -22.81
C PRO B 216 7.76 23.81 -21.87
N PRO B 217 6.96 22.95 -21.21
CA PRO B 217 7.42 21.92 -20.27
C PRO B 217 8.80 21.34 -20.58
N GLU B 218 9.69 21.39 -19.60
CA GLU B 218 11.05 20.86 -19.75
C GLU B 218 11.27 19.78 -18.69
N PHE B 219 10.24 19.60 -17.87
CA PHE B 219 10.24 18.62 -16.79
C PHE B 219 8.81 18.53 -16.31
N ALA B 220 8.30 17.31 -16.20
CA ALA B 220 6.93 17.10 -15.76
C ALA B 220 6.79 15.77 -15.05
N GLU B 221 5.64 15.57 -14.44
CA GLU B 221 5.35 14.34 -13.72
C GLU B 221 4.01 13.84 -14.20
N ALA B 222 3.95 12.60 -14.66
CA ALA B 222 2.70 12.04 -15.12
C ALA B 222 2.18 11.08 -14.08
N ALA B 223 1.17 11.52 -13.33
CA ALA B 223 0.59 10.68 -12.29
C ALA B 223 -0.33 9.68 -12.97
N LEU B 224 0.08 8.42 -12.98
CA LEU B 224 -0.70 7.38 -13.62
C LEU B 224 -1.94 7.03 -12.80
N THR B 225 -2.20 7.85 -11.79
CA THR B 225 -3.37 7.65 -10.92
C THR B 225 -4.01 9.00 -10.60
N PRO B 226 -5.28 8.97 -10.16
CA PRO B 226 -5.96 10.23 -9.82
C PRO B 226 -5.59 10.69 -8.43
N TRP B 227 -5.05 9.76 -7.63
CA TRP B 227 -4.65 10.00 -6.24
C TRP B 227 -3.31 10.68 -6.00
N SER B 228 -3.30 11.55 -4.99
CA SER B 228 -2.12 12.32 -4.64
C SER B 228 -0.82 11.56 -4.75
N ALA B 229 -0.66 10.51 -3.96
CA ALA B 229 0.55 9.69 -4.01
C ALA B 229 0.21 8.42 -4.77
N GLY B 230 1.09 7.99 -5.66
CA GLY B 230 0.78 6.78 -6.41
C GLY B 230 1.69 6.59 -7.60
N PRO B 231 1.55 5.48 -8.34
CA PRO B 231 2.40 5.25 -9.50
C PRO B 231 2.44 6.46 -10.43
N ARG B 232 3.65 6.78 -10.88
CA ARG B 232 3.85 7.90 -11.80
C ARG B 232 5.30 7.92 -12.26
N PHE B 233 5.63 8.79 -13.21
CA PHE B 233 7.00 8.92 -13.67
C PHE B 233 7.25 10.33 -14.16
N ARG B 234 8.52 10.73 -14.19
CA ARG B 234 8.91 12.06 -14.64
C ARG B 234 9.37 12.08 -16.09
N LEU B 235 9.17 13.22 -16.74
CA LEU B 235 9.58 13.42 -18.12
C LEU B 235 10.62 14.53 -18.13
N ALA B 236 11.82 14.24 -18.63
CA ALA B 236 12.88 15.23 -18.71
C ALA B 236 13.22 15.48 -20.18
N ALA B 237 13.13 16.73 -20.63
CA ALA B 237 13.41 17.08 -22.02
C ALA B 237 14.88 16.86 -22.39
N VAL B 238 15.11 16.15 -23.49
CA VAL B 238 16.47 15.86 -23.96
C VAL B 238 16.63 16.04 -25.48
N PRO B 239 17.58 16.89 -25.90
CA PRO B 239 17.83 17.13 -27.33
C PRO B 239 18.90 16.18 -27.89
N GLY B 240 19.69 16.67 -28.85
CA GLY B 240 20.73 15.85 -29.45
C GLY B 240 20.25 14.55 -30.05
N PRO B 241 21.16 13.74 -30.63
CA PRO B 241 20.81 12.45 -31.25
C PRO B 241 20.46 11.36 -30.22
N GLY B 242 19.89 11.77 -29.10
CA GLY B 242 19.53 10.82 -28.06
C GLY B 242 18.05 10.86 -27.71
N PRO B 243 17.61 10.02 -26.77
CA PRO B 243 18.51 9.08 -26.07
C PRO B 243 18.94 7.96 -26.99
N VAL B 244 19.94 7.19 -26.56
CA VAL B 244 20.44 6.07 -27.35
C VAL B 244 20.03 4.75 -26.68
N GLU B 245 19.90 4.78 -25.36
CA GLU B 245 19.47 3.61 -24.61
C GLU B 245 18.04 3.93 -24.15
N PRO B 246 17.04 3.19 -24.67
CA PRO B 246 15.64 3.42 -24.29
C PRO B 246 15.37 2.86 -22.91
N VAL B 247 14.48 3.51 -22.18
CA VAL B 247 14.15 3.03 -20.85
C VAL B 247 13.09 1.95 -20.92
N ARG B 248 13.13 1.03 -19.95
CA ARG B 248 12.15 -0.05 -19.89
C ARG B 248 11.35 0.05 -18.59
N LEU B 249 10.04 0.23 -18.73
CA LEU B 249 9.18 0.34 -17.55
C LEU B 249 8.12 -0.75 -17.61
N HIS B 250 7.89 -1.40 -16.49
CA HIS B 250 6.91 -2.44 -16.40
C HIS B 250 5.78 -1.91 -15.52
N LEU B 251 4.60 -1.76 -16.10
CA LEU B 251 3.46 -1.27 -15.34
C LEU B 251 2.50 -2.41 -15.05
N ASP B 252 2.40 -2.79 -13.79
CA ASP B 252 1.48 -3.84 -13.36
C ASP B 252 0.15 -3.11 -13.25
N ALA B 253 -0.83 -3.53 -14.04
CA ALA B 253 -2.13 -2.87 -14.03
C ALA B 253 -3.29 -3.71 -13.52
N ALA B 254 -4.43 -3.03 -13.38
CA ALA B 254 -5.68 -3.64 -12.92
C ALA B 254 -6.68 -3.55 -14.07
N GLY B 255 -7.41 -4.63 -14.30
CA GLY B 255 -8.36 -4.68 -15.39
C GLY B 255 -7.89 -5.72 -16.39
N THR B 256 -8.65 -5.93 -17.46
CA THR B 256 -8.26 -6.91 -18.47
C THR B 256 -7.23 -6.29 -19.43
N ALA B 257 -6.35 -7.15 -19.96
CA ALA B 257 -5.31 -6.72 -20.87
C ALA B 257 -5.80 -6.08 -22.17
N ASP B 258 -6.77 -6.70 -22.81
CA ASP B 258 -7.32 -6.18 -24.05
C ASP B 258 -7.97 -4.84 -23.79
N SER B 259 -8.72 -4.74 -22.69
CA SER B 259 -9.38 -3.50 -22.31
C SER B 259 -8.33 -2.41 -22.36
N LEU B 260 -7.23 -2.64 -21.66
CA LEU B 260 -6.12 -1.69 -21.61
C LEU B 260 -5.53 -1.58 -23.01
N HIS B 261 -5.41 -2.72 -23.67
CA HIS B 261 -4.86 -2.76 -25.02
C HIS B 261 -5.60 -1.78 -25.92
N ARG B 262 -6.92 -1.87 -25.93
CA ARG B 262 -7.75 -0.99 -26.74
C ARG B 262 -7.41 0.47 -26.44
N ARG B 263 -7.41 0.82 -25.17
CA ARG B 263 -7.10 2.19 -24.78
C ARG B 263 -5.85 2.72 -25.48
N ALA B 264 -4.73 2.04 -25.29
CA ALA B 264 -3.45 2.45 -25.88
C ALA B 264 -3.55 2.58 -27.39
N VAL B 265 -4.20 1.60 -28.02
CA VAL B 265 -4.38 1.60 -29.48
C VAL B 265 -5.16 2.84 -29.88
N ASP B 266 -6.37 2.97 -29.33
CA ASP B 266 -7.23 4.11 -29.58
C ASP B 266 -6.45 5.40 -29.42
N ALA B 267 -5.83 5.55 -28.26
CA ALA B 267 -5.04 6.73 -27.93
C ALA B 267 -4.02 7.01 -29.03
N GLY B 268 -3.84 6.06 -29.93
CA GLY B 268 -2.92 6.24 -31.02
C GLY B 268 -1.48 5.92 -30.68
N ALA B 269 -1.28 5.27 -29.54
CA ALA B 269 0.06 4.90 -29.10
C ALA B 269 0.58 3.76 -29.98
N ARG B 270 1.89 3.61 -30.06
CA ARG B 270 2.48 2.54 -30.86
C ARG B 270 2.68 1.27 -30.01
N VAL B 271 1.82 0.28 -30.24
CA VAL B 271 1.86 -0.99 -29.50
C VAL B 271 2.53 -2.10 -30.33
N ASP B 272 3.12 -3.08 -29.66
CA ASP B 272 3.77 -4.18 -30.39
C ASP B 272 2.73 -5.23 -30.83
N GLY B 273 1.46 -4.94 -30.60
CA GLY B 273 0.42 -5.87 -30.99
C GLY B 273 -0.44 -6.30 -29.83
N PRO B 274 -1.48 -7.11 -30.09
CA PRO B 274 -2.40 -7.60 -29.06
C PRO B 274 -1.73 -8.21 -27.84
N PRO B 275 -2.48 -8.36 -26.75
CA PRO B 275 -1.92 -8.92 -25.52
C PRO B 275 -1.56 -10.39 -25.62
N VAL B 276 -0.34 -10.72 -25.23
CA VAL B 276 0.11 -12.09 -25.27
C VAL B 276 0.18 -12.58 -23.83
N ARG B 277 -0.26 -13.81 -23.59
CA ARG B 277 -0.22 -14.37 -22.25
C ARG B 277 1.20 -14.82 -21.98
N ARG B 278 1.71 -14.50 -20.80
CA ARG B 278 3.07 -14.87 -20.43
C ARG B 278 3.04 -15.93 -19.33
N PRO B 279 4.10 -16.77 -19.27
CA PRO B 279 4.24 -17.84 -18.27
C PRO B 279 4.12 -17.44 -16.80
N TRP B 280 4.34 -16.18 -16.48
CA TRP B 280 4.24 -15.77 -15.08
C TRP B 280 2.85 -15.35 -14.60
N GLY B 281 1.82 -15.63 -15.40
CA GLY B 281 0.48 -15.31 -14.95
C GLY B 281 -0.13 -13.97 -15.32
N ARG B 282 0.46 -13.25 -16.28
CA ARG B 282 -0.12 -11.99 -16.68
C ARG B 282 -0.18 -11.98 -18.19
N SER B 283 -1.02 -11.11 -18.75
CA SER B 283 -1.17 -10.96 -20.19
C SER B 283 -0.68 -9.54 -20.46
N GLU B 284 0.26 -9.37 -21.39
CA GLU B 284 0.80 -8.04 -21.63
C GLU B 284 1.09 -7.63 -23.06
N PHE B 285 1.23 -6.31 -23.24
CA PHE B 285 1.54 -5.71 -24.52
C PHE B 285 2.46 -4.54 -24.24
N VAL B 286 3.25 -4.15 -25.23
CA VAL B 286 4.18 -3.07 -25.00
C VAL B 286 3.91 -1.85 -25.83
N ILE B 287 4.02 -0.70 -25.17
CA ILE B 287 3.84 0.57 -25.84
C ILE B 287 5.26 1.06 -26.03
N THR B 288 5.57 1.55 -27.23
CA THR B 288 6.90 2.03 -27.52
C THR B 288 6.85 3.52 -27.78
N LEU B 289 7.46 4.28 -26.89
CA LEU B 289 7.46 5.73 -27.01
C LEU B 289 8.29 6.17 -28.19
N PRO B 290 7.91 7.29 -28.81
CA PRO B 290 8.64 7.81 -29.97
C PRO B 290 10.14 7.76 -29.76
N GLU B 291 10.60 8.09 -28.54
CA GLU B 291 12.03 8.09 -28.25
C GLU B 291 12.62 6.71 -27.99
N GLY B 292 11.80 5.67 -28.06
CA GLY B 292 12.32 4.32 -27.85
C GLY B 292 11.98 3.63 -26.54
N HIS B 293 11.63 4.41 -25.51
CA HIS B 293 11.28 3.85 -24.21
C HIS B 293 10.15 2.84 -24.42
N GLU B 294 10.23 1.72 -23.70
CA GLU B 294 9.26 0.66 -23.80
C GLU B 294 8.42 0.43 -22.55
N LEU B 295 7.14 0.76 -22.63
CA LEU B 295 6.23 0.59 -21.52
C LEU B 295 5.44 -0.69 -21.70
N THR B 296 5.73 -1.69 -20.88
CA THR B 296 5.03 -2.95 -20.95
C THR B 296 3.85 -2.90 -19.98
N VAL B 297 2.63 -2.98 -20.49
CA VAL B 297 1.45 -2.96 -19.62
C VAL B 297 1.02 -4.39 -19.31
N SER B 298 1.16 -4.79 -18.04
CA SER B 298 0.84 -6.15 -17.64
C SER B 298 -0.38 -6.23 -16.74
N ALA B 299 -1.33 -7.11 -17.09
CA ALA B 299 -2.55 -7.29 -16.29
C ALA B 299 -2.75 -8.78 -16.03
N PRO B 300 -3.39 -9.14 -14.91
CA PRO B 300 -3.63 -10.55 -14.56
C PRO B 300 -4.35 -11.35 -15.64
N VAL B 301 -5.10 -10.67 -16.51
CA VAL B 301 -5.82 -11.31 -17.62
C VAL B 301 -6.28 -10.24 -18.60
N1A COA C . -21.17 2.84 12.92
C2A COA C . -19.98 2.23 13.02
N3A COA C . -19.56 1.73 14.19
C4A COA C . -20.32 1.80 15.32
C5A COA C . -21.59 2.43 15.25
C6A COA C . -22.01 2.96 13.98
N6A COA C . -23.23 3.59 13.84
N7A COA C . -22.14 2.37 16.50
C8A COA C . -21.30 1.77 17.31
N9A COA C . -20.17 1.39 16.64
C1B COA C . -19.01 0.69 17.25
C2B COA C . -18.21 -0.23 16.27
O2B COA C . -18.12 -1.59 16.73
C3B COA C . -16.82 0.46 16.09
O3B COA C . -15.63 -0.41 16.37
P3B COA C . -15.31 -0.50 18.02
O7A COA C . -16.58 -0.64 18.78
O8A COA C . -14.37 -1.77 18.30
O9A COA C . -14.55 0.84 18.50
C4B COA C . -16.92 1.78 16.92
O4B COA C . -18.05 1.64 17.80
C5B COA C . -17.12 3.00 15.98
O5B COA C . -15.86 3.54 15.53
P1A COA C . -15.85 5.13 15.90
O1A COA C . -16.32 5.44 17.31
O2A COA C . -16.08 6.19 14.76
O3A COA C . -14.23 5.32 16.10
P2A COA C . -13.92 6.76 16.85
O4A COA C . -15.12 7.62 16.83
O5A COA C . -13.47 6.48 18.37
O6A COA C . -12.71 7.52 16.04
CBP COA C . -10.79 8.95 16.53
CCP COA C . -11.61 7.71 16.96
CDP COA C . -10.30 8.72 15.08
CEP COA C . -11.68 10.19 16.58
CAP COA C . -9.57 9.09 17.50
OAP COA C . -8.66 8.00 17.34
C9P COA C . -8.81 10.40 17.30
O9P COA C . -9.16 11.42 17.88
N8P COA C . -7.73 10.42 16.45
C7P COA C . -6.95 11.65 16.18
C6P COA C . -7.37 12.23 14.82
C5P COA C . -6.59 11.60 13.68
O5P COA C . -5.50 11.13 13.89
N4P COA C . -7.11 11.59 12.42
C3P COA C . -6.37 11.01 11.27
C2P COA C . -5.82 12.13 10.38
S1P COA C . -7.19 13.04 9.60
N1A COA D . -13.42 -14.66 22.52
C2A COA D . -13.24 -13.92 21.42
N3A COA D . -14.22 -13.75 20.52
C4A COA D . -15.45 -14.32 20.69
C5A COA D . -15.67 -15.13 21.84
C6A COA D . -14.61 -15.28 22.77
N6A COA D . -14.78 -16.05 23.91
N7A COA D . -16.94 -15.57 21.76
C8A COA D . -17.50 -15.12 20.68
N9A COA D . -16.63 -14.35 19.97
C1B COA D . -16.96 -13.69 18.68
C2B COA D . -16.19 -12.37 18.35
O2B COA D . -16.72 -11.25 19.06
C3B COA D . -16.35 -12.31 16.81
O3B COA D . -17.65 -11.68 16.48
P3B COA D . -17.81 -11.63 14.84
O7A COA D . -18.25 -12.96 14.33
O8A COA D . -18.89 -10.52 14.44
O9A COA D . -16.38 -11.25 14.14
C4B COA D . -16.27 -13.79 16.43
O4B COA D . -16.68 -14.57 17.56
C5B COA D . -14.83 -14.17 16.02
O5B COA D . -14.94 -15.06 14.92
P1A COA D . -13.56 -15.94 14.86
O1A COA D . -13.80 -17.44 14.94
O2A COA D . -12.22 -15.34 15.40
O3A COA D . -13.25 -15.82 13.24
P2A COA D . -14.66 -16.19 12.41
O4A COA D . -15.60 -15.02 12.27
O5A COA D . -15.24 -17.65 12.49
O6A COA D . -14.07 -16.21 10.87
CBP COA D . -12.35 -17.38 9.50
CCP COA D . -13.36 -17.45 10.67
CDP COA D . -11.38 -18.54 9.26
CEP COA D . -12.48 -16.31 8.38
CAP COA D . -13.54 -18.24 8.75
OAP COA D . -14.70 -17.44 8.42
C9P COA D . -13.17 -19.00 7.42
O9P COA D . -12.92 -20.20 7.47
N8P COA D . -13.18 -18.34 6.22
C7P COA D . -12.90 -19.03 4.93
C6P COA D . -11.38 -19.09 4.65
C5P COA D . -10.74 -17.71 4.69
O5P COA D . -11.41 -16.72 4.91
N4P COA D . -9.41 -17.58 4.45
C3P COA D . -8.74 -16.26 4.45
C2P COA D . -7.41 -16.34 3.70
S1P COA D . -6.07 -16.76 4.86
#